data_6QDG
#
_entry.id   6QDG
#
_cell.length_a   48.598
_cell.length_b   91.202
_cell.length_c   53.344
_cell.angle_alpha   90.00
_cell.angle_beta   113.96
_cell.angle_gamma   90.00
#
_symmetry.space_group_name_H-M   'P 1 21 1'
#
loop_
_entity.id
_entity.type
_entity.pdbx_description
1 polymer 'Glycylpeptide N-tetradecanoyltransferase'
2 non-polymer TETRADECANOYL-COA
3 non-polymer 'MAGNESIUM ION'
4 non-polymer 3-[[6-bromanyl-2-[3-(dimethylamino)propyl-methyl-amino]quinazolin-4-yl]-methyl-amino]propanenitrile
5 water water
#
_entity_poly.entity_id   1
_entity_poly.type   'polypeptide(L)'
_entity_poly.pdbx_seq_one_letter_code
;MSRNPSNSDAAHAFWSTQPVPQTEDETEKIVFAGPMDEPKTVADIPEEPYPIASTFEWWTPNMEAADDIHAIYELLRDNY
VEDDDSMFRFNYSEEFLQWALCPPNYIPDWHVAVRRKADKKLLAFIAGVPVTLRMGTPKYMKVKAQEKGEGEEAAKYDEP
RHICEINFLCVHKQLREKRLAPILIKEATRRVNRTNVWQAVYTAGVLLPTPYASGQYFHRSLNPEKLVEIRFSGIPAQYQ
KFQNPMAMLKRNYQLPSAPKNSGLREMKPSDVPQVRRILMNYLDSFDVGPVFSDAEISHYLLPRDGVVFTYVVENDKKVT
DFFSFYRIPSTVIGNSNYNLLNAAYVHYYAATSIPLHQLILDLLIVAHSRGFDVCNMVEILDNRSFVEQLKFGAGDGHLR
YYFYNWAYPKIKPSQVALVML
;
_entity_poly.pdbx_strand_id   A
#
# COMPACT_ATOMS: atom_id res chain seq x y z
N ALA A 11 22.99 11.38 12.39
CA ALA A 11 21.62 11.35 12.99
C ALA A 11 20.99 9.96 12.82
N HIS A 12 21.44 9.22 11.79
CA HIS A 12 20.83 7.94 11.48
C HIS A 12 21.84 6.79 11.58
N ALA A 13 22.01 6.28 12.80
CA ALA A 13 23.00 5.26 13.10
C ALA A 13 22.87 4.08 12.13
N PHE A 14 21.64 3.76 11.72
CA PHE A 14 21.40 2.62 10.83
C PHE A 14 21.33 3.06 9.37
N TRP A 15 20.44 4.01 9.05
CA TRP A 15 20.15 4.34 7.66
C TRP A 15 21.36 4.94 6.96
N SER A 16 22.30 5.47 7.77
CA SER A 16 23.52 6.04 7.22
C SER A 16 24.45 4.94 6.67
N THR A 17 24.31 3.71 7.15
CA THR A 17 25.08 2.54 6.73
C THR A 17 24.47 1.85 5.49
N GLN A 18 23.39 2.41 4.92
CA GLN A 18 22.54 1.69 3.97
C GLN A 18 22.58 2.28 2.58
N PRO A 19 22.40 1.45 1.50
CA PRO A 19 22.40 1.95 0.13
C PRO A 19 21.09 2.60 -0.28
N VAL A 20 20.79 3.72 0.38
CA VAL A 20 19.64 4.55 0.06
C VAL A 20 20.18 5.96 -0.11
N PRO A 21 19.45 6.89 -0.76
CA PRO A 21 19.91 8.27 -0.85
C PRO A 21 19.84 8.89 0.55
N GLN A 22 20.83 9.74 0.85
CA GLN A 22 21.05 10.20 2.21
C GLN A 22 20.51 11.63 2.43
N THR A 23 20.09 12.30 1.36
CA THR A 23 19.55 13.65 1.47
C THR A 23 18.58 13.94 0.31
N GLU A 24 17.71 14.93 0.54
CA GLU A 24 16.73 15.38 -0.44
CA GLU A 24 16.73 15.37 -0.44
C GLU A 24 17.46 15.91 -1.67
N ASP A 25 18.66 16.49 -1.45
CA ASP A 25 19.48 16.96 -2.56
C ASP A 25 19.87 15.77 -3.44
N GLU A 26 20.57 14.79 -2.85
CA GLU A 26 21.00 13.60 -3.57
C GLU A 26 19.88 13.18 -4.51
N THR A 27 18.66 13.08 -3.97
CA THR A 27 17.46 12.67 -4.67
C THR A 27 17.09 13.66 -5.78
N GLU A 28 17.25 14.96 -5.51
CA GLU A 28 16.85 15.96 -6.50
C GLU A 28 17.84 15.98 -7.67
N LYS A 29 19.11 15.60 -7.43
CA LYS A 29 20.16 15.63 -8.45
C LYS A 29 20.04 14.46 -9.42
N ILE A 30 19.81 13.24 -8.90
CA ILE A 30 19.75 12.00 -9.67
C ILE A 30 18.95 12.19 -10.96
N VAL A 31 19.42 11.56 -12.05
CA VAL A 31 18.76 11.65 -13.33
C VAL A 31 18.47 10.24 -13.88
N PHE A 32 19.28 9.25 -13.53
CA PHE A 32 19.03 7.95 -14.12
C PHE A 32 18.70 6.93 -13.04
N ALA A 33 17.74 6.05 -13.35
CA ALA A 33 17.44 4.91 -12.51
C ALA A 33 18.63 3.95 -12.54
N GLY A 34 19.00 3.43 -11.38
CA GLY A 34 19.99 2.38 -11.36
C GLY A 34 20.33 2.04 -9.92
N PRO A 35 21.11 0.98 -9.71
CA PRO A 35 21.45 0.51 -8.38
C PRO A 35 22.47 1.43 -7.72
N MET A 36 22.55 1.40 -6.39
CA MET A 36 23.48 2.30 -5.73
C MET A 36 24.76 1.54 -5.46
N ASP A 37 24.60 0.34 -4.91
CA ASP A 37 25.69 -0.51 -4.47
C ASP A 37 26.36 -1.12 -5.71
N GLU A 38 27.61 -1.55 -5.54
CA GLU A 38 28.29 -2.30 -6.59
C GLU A 38 27.74 -3.73 -6.60
N PRO A 39 27.80 -4.46 -7.73
CA PRO A 39 27.12 -5.75 -7.80
C PRO A 39 27.74 -6.77 -6.86
N LYS A 40 26.89 -7.62 -6.28
CA LYS A 40 27.36 -8.70 -5.44
C LYS A 40 26.75 -9.97 -5.97
N THR A 41 27.21 -11.11 -5.45
CA THR A 41 26.63 -12.38 -5.84
C THR A 41 26.01 -13.00 -4.60
N VAL A 42 25.13 -13.97 -4.80
CA VAL A 42 24.59 -14.78 -3.72
C VAL A 42 25.75 -15.38 -2.92
N ALA A 43 26.83 -15.78 -3.62
CA ALA A 43 27.97 -16.38 -2.93
C ALA A 43 28.60 -15.41 -1.91
N ASP A 44 28.51 -14.09 -2.13
CA ASP A 44 29.07 -13.11 -1.21
C ASP A 44 28.26 -12.96 0.09
N ILE A 45 27.04 -13.48 0.09
CA ILE A 45 26.12 -13.24 1.20
C ILE A 45 26.19 -14.38 2.20
N PRO A 46 26.36 -14.03 3.49
CA PRO A 46 26.52 -15.01 4.57
C PRO A 46 25.35 -15.99 4.56
N GLU A 47 25.65 -17.28 4.73
CA GLU A 47 24.60 -18.27 4.72
C GLU A 47 23.93 -18.34 6.08
N GLU A 48 24.64 -17.90 7.12
CA GLU A 48 24.13 -18.03 8.47
CA GLU A 48 24.13 -18.03 8.47
C GLU A 48 23.35 -16.76 8.84
N PRO A 49 22.18 -16.91 9.53
CA PRO A 49 21.35 -15.76 9.86
C PRO A 49 22.22 -14.79 10.63
N TYR A 50 21.79 -13.53 10.62
CA TYR A 50 22.48 -12.47 11.32
C TYR A 50 22.46 -12.79 12.81
N PRO A 51 23.55 -12.57 13.56
CA PRO A 51 23.57 -12.81 15.01
C PRO A 51 22.42 -12.08 15.73
N ILE A 52 21.88 -12.71 16.78
CA ILE A 52 20.82 -12.15 17.60
C ILE A 52 21.07 -12.56 19.06
N ALA A 53 20.65 -11.73 20.02
CA ALA A 53 20.74 -12.08 21.43
C ALA A 53 20.28 -13.53 21.63
N SER A 54 20.96 -14.24 22.55
CA SER A 54 20.76 -15.66 22.77
C SER A 54 19.38 -15.97 23.37
N THR A 55 18.68 -14.96 23.91
CA THR A 55 17.33 -15.13 24.45
C THR A 55 16.25 -15.03 23.34
N PHE A 56 16.65 -14.64 22.13
CA PHE A 56 15.71 -14.54 21.03
C PHE A 56 16.09 -15.57 19.99
N GLU A 57 15.13 -15.87 19.10
CA GLU A 57 15.44 -16.68 17.94
C GLU A 57 14.68 -16.11 16.75
N TRP A 58 15.28 -16.30 15.58
CA TRP A 58 14.69 -16.00 14.30
C TRP A 58 13.63 -17.05 14.09
N TRP A 59 12.49 -16.64 13.53
CA TRP A 59 11.42 -17.57 13.22
C TRP A 59 10.93 -17.23 11.82
N THR A 60 10.71 -18.26 11.01
CA THR A 60 10.08 -18.07 9.71
C THR A 60 8.68 -18.63 9.84
N PRO A 61 7.65 -17.78 9.97
CA PRO A 61 6.28 -18.27 10.19
C PRO A 61 5.82 -19.01 8.94
N ASN A 62 4.90 -19.95 9.14
CA ASN A 62 4.21 -20.58 8.02
C ASN A 62 2.85 -19.91 7.79
N MET A 63 2.72 -19.30 6.61
CA MET A 63 1.54 -18.54 6.23
CA MET A 63 1.54 -18.54 6.23
C MET A 63 0.41 -19.50 5.87
N GLU A 64 0.76 -20.77 5.67
CA GLU A 64 -0.21 -21.83 5.44
C GLU A 64 -0.71 -22.38 6.78
N ALA A 65 -0.24 -21.80 7.89
CA ALA A 65 -0.63 -22.24 9.23
C ALA A 65 -1.49 -21.17 9.89
N ALA A 66 -2.76 -21.54 10.19
CA ALA A 66 -3.73 -20.63 10.78
C ALA A 66 -3.17 -20.07 12.08
N ASP A 67 -2.37 -20.90 12.74
CA ASP A 67 -1.83 -20.61 14.06
C ASP A 67 -0.73 -19.56 13.93
N ASP A 68 0.15 -19.70 12.93
CA ASP A 68 1.18 -18.72 12.65
C ASP A 68 0.58 -17.36 12.26
N ILE A 69 -0.40 -17.38 11.35
CA ILE A 69 -1.15 -16.19 10.95
CA ILE A 69 -1.13 -16.18 10.95
C ILE A 69 -1.78 -15.55 12.18
N HIS A 70 -2.36 -16.39 13.06
CA HIS A 70 -2.96 -15.88 14.29
C HIS A 70 -1.94 -15.13 15.14
N ALA A 71 -0.76 -15.73 15.30
CA ALA A 71 0.31 -15.11 16.08
C ALA A 71 0.72 -13.77 15.47
N ILE A 72 0.83 -13.71 14.14
CA ILE A 72 1.19 -12.48 13.43
C ILE A 72 0.06 -11.45 13.62
N TYR A 73 -1.19 -11.92 13.55
CA TYR A 73 -2.34 -11.05 13.65
C TYR A 73 -2.32 -10.30 14.99
N GLU A 74 -2.07 -11.06 16.08
CA GLU A 74 -2.11 -10.53 17.44
C GLU A 74 -1.00 -9.53 17.59
N LEU A 75 0.18 -9.84 17.02
CA LEU A 75 1.28 -8.89 17.17
C LEU A 75 0.89 -7.58 16.51
N LEU A 76 0.25 -7.65 15.33
CA LEU A 76 -0.06 -6.42 14.62
C LEU A 76 -1.25 -5.71 15.26
N ARG A 77 -2.24 -6.48 15.74
CA ARG A 77 -3.44 -5.88 16.35
C ARG A 77 -3.03 -4.95 17.48
N ASP A 78 -1.99 -5.33 18.24
CA ASP A 78 -1.69 -4.64 19.48
C ASP A 78 -0.52 -3.68 19.34
N ASN A 79 0.25 -3.81 18.24
CA ASN A 79 1.55 -3.14 18.20
C ASN A 79 1.86 -2.48 16.86
N TYR A 80 0.88 -2.40 15.95
CA TYR A 80 1.12 -1.89 14.61
C TYR A 80 0.80 -0.40 14.53
N VAL A 81 0.63 0.09 13.29
CA VAL A 81 0.54 1.52 12.99
C VAL A 81 -0.68 2.13 13.69
N GLU A 82 -0.43 3.21 14.44
CA GLU A 82 -1.46 4.04 15.08
C GLU A 82 -1.40 5.43 14.46
N ASP A 83 -2.49 6.19 14.58
CA ASP A 83 -2.45 7.61 14.24
C ASP A 83 -1.50 8.35 15.17
N ASP A 84 -1.27 9.63 14.89
CA ASP A 84 -0.33 10.47 15.61
C ASP A 84 -0.83 10.75 17.02
N ASP A 85 -2.15 10.55 17.24
CA ASP A 85 -2.77 10.89 18.51
C ASP A 85 -3.13 9.64 19.32
N SER A 86 -2.66 8.47 18.86
CA SER A 86 -2.94 7.21 19.52
C SER A 86 -4.44 7.03 19.77
N MET A 87 -5.25 7.49 18.80
CA MET A 87 -6.69 7.34 18.77
C MET A 87 -7.07 5.99 18.13
N PHE A 88 -6.33 5.61 17.07
CA PHE A 88 -6.69 4.48 16.22
C PHE A 88 -5.46 3.65 15.90
N ARG A 89 -5.64 2.32 15.88
CA ARG A 89 -4.58 1.38 15.53
C ARG A 89 -5.13 0.46 14.45
N PHE A 90 -4.39 0.31 13.36
CA PHE A 90 -4.91 -0.52 12.25
C PHE A 90 -5.12 -1.96 12.75
N ASN A 91 -6.19 -2.58 12.30
CA ASN A 91 -6.50 -3.93 12.76
C ASN A 91 -6.69 -4.84 11.54
N TYR A 92 -5.61 -5.07 10.81
CA TYR A 92 -5.62 -5.97 9.68
C TYR A 92 -6.10 -7.34 10.13
N SER A 93 -7.07 -7.92 9.41
CA SER A 93 -7.61 -9.21 9.79
C SER A 93 -6.68 -10.35 9.38
N GLU A 94 -6.93 -11.56 9.92
CA GLU A 94 -6.21 -12.78 9.59
CA GLU A 94 -6.18 -12.76 9.58
C GLU A 94 -6.37 -13.13 8.11
N GLU A 95 -7.59 -12.94 7.59
CA GLU A 95 -7.82 -13.24 6.17
C GLU A 95 -7.04 -12.25 5.31
N PHE A 96 -7.01 -10.99 5.76
CA PHE A 96 -6.27 -9.95 5.05
C PHE A 96 -4.78 -10.30 5.01
N LEU A 97 -4.21 -10.71 6.15
CA LEU A 97 -2.80 -11.01 6.22
C LEU A 97 -2.45 -12.18 5.31
N GLN A 98 -3.29 -13.22 5.28
CA GLN A 98 -3.03 -14.36 4.41
C GLN A 98 -3.02 -13.91 2.95
N TRP A 99 -3.94 -13.00 2.61
CA TRP A 99 -4.03 -12.45 1.26
C TRP A 99 -2.79 -11.64 0.92
N ALA A 100 -2.37 -10.75 1.83
CA ALA A 100 -1.24 -9.87 1.61
C ALA A 100 0.08 -10.63 1.58
N LEU A 101 0.21 -11.63 2.46
CA LEU A 101 1.49 -12.25 2.77
C LEU A 101 1.80 -13.38 1.79
N CYS A 102 0.77 -13.98 1.18
CA CYS A 102 1.02 -15.15 0.34
C CYS A 102 0.51 -14.96 -1.08
N PRO A 103 1.03 -14.01 -1.87
CA PRO A 103 0.63 -13.90 -3.27
C PRO A 103 1.30 -15.03 -4.03
N PRO A 104 0.94 -15.26 -5.32
CA PRO A 104 1.56 -16.32 -6.11
C PRO A 104 3.09 -16.27 -6.09
N ASN A 105 3.71 -17.45 -5.92
CA ASN A 105 5.16 -17.56 -5.98
C ASN A 105 5.85 -16.74 -4.89
N TYR A 106 5.19 -16.56 -3.74
CA TYR A 106 5.82 -15.92 -2.60
C TYR A 106 6.93 -16.83 -2.04
N ILE A 107 7.93 -16.19 -1.43
CA ILE A 107 9.07 -16.89 -0.85
CA ILE A 107 9.08 -16.86 -0.85
C ILE A 107 8.85 -16.97 0.66
N PRO A 108 8.63 -18.19 1.21
CA PRO A 108 8.34 -18.31 2.64
C PRO A 108 9.42 -17.66 3.51
N ASP A 109 10.67 -17.71 3.06
CA ASP A 109 11.85 -17.23 3.76
C ASP A 109 11.83 -15.73 4.02
N TRP A 110 11.13 -14.98 3.15
CA TRP A 110 11.09 -13.53 3.19
C TRP A 110 10.20 -13.03 4.32
N HIS A 111 9.43 -13.93 4.94
CA HIS A 111 8.68 -13.56 6.13
C HIS A 111 9.59 -13.83 7.32
N VAL A 112 9.90 -12.76 8.07
CA VAL A 112 10.97 -12.81 9.05
C VAL A 112 10.41 -12.33 10.37
N ALA A 113 10.54 -13.18 11.40
CA ALA A 113 9.99 -12.92 12.72
C ALA A 113 11.04 -13.14 13.80
N VAL A 114 10.95 -12.38 14.89
CA VAL A 114 11.76 -12.66 16.07
C VAL A 114 10.82 -13.12 17.18
N ARG A 115 11.15 -14.28 17.78
CA ARG A 115 10.45 -14.86 18.91
C ARG A 115 11.37 -14.89 20.13
N ARG A 116 10.78 -14.69 21.33
CA ARG A 116 11.47 -14.95 22.59
C ARG A 116 11.59 -16.46 22.75
N LYS A 117 12.82 -16.96 22.90
CA LYS A 117 13.10 -18.39 22.99
C LYS A 117 12.28 -19.05 24.11
N ALA A 118 12.24 -18.42 25.29
CA ALA A 118 11.65 -19.03 26.48
C ALA A 118 10.22 -19.50 26.22
N ASP A 119 9.37 -18.61 25.68
CA ASP A 119 7.93 -18.86 25.64
C ASP A 119 7.40 -18.79 24.21
N LYS A 120 8.30 -18.52 23.24
CA LYS A 120 7.96 -18.42 21.83
C LYS A 120 6.97 -17.28 21.56
N LYS A 121 7.00 -16.24 22.40
CA LYS A 121 6.21 -15.05 22.16
C LYS A 121 6.77 -14.28 20.96
N LEU A 122 5.89 -13.90 20.02
CA LEU A 122 6.29 -13.12 18.87
C LEU A 122 6.58 -11.68 19.31
N LEU A 123 7.76 -11.17 18.94
CA LEU A 123 8.19 -9.88 19.43
C LEU A 123 8.41 -8.86 18.30
N ALA A 124 8.66 -9.36 17.08
CA ALA A 124 8.90 -8.45 15.97
C ALA A 124 8.67 -9.19 14.65
N PHE A 125 8.38 -8.42 13.60
CA PHE A 125 8.06 -9.08 12.33
C PHE A 125 8.38 -8.12 11.18
N ILE A 126 8.71 -8.69 10.02
CA ILE A 126 8.79 -7.93 8.79
C ILE A 126 8.44 -8.87 7.64
N ALA A 127 7.77 -8.36 6.60
CA ALA A 127 7.36 -9.26 5.52
C ALA A 127 7.87 -8.73 4.17
N GLY A 128 8.47 -9.62 3.37
CA GLY A 128 8.76 -9.31 1.98
C GLY A 128 7.88 -10.16 1.07
N VAL A 129 7.35 -9.56 -0.01
CA VAL A 129 6.64 -10.30 -1.04
C VAL A 129 7.24 -9.98 -2.40
N PRO A 130 7.15 -10.90 -3.38
CA PRO A 130 7.70 -10.61 -4.69
C PRO A 130 6.77 -9.59 -5.33
N VAL A 131 7.36 -8.71 -6.15
CA VAL A 131 6.63 -7.81 -7.03
C VAL A 131 7.47 -7.59 -8.29
N THR A 132 6.83 -7.58 -9.46
CA THR A 132 7.48 -7.17 -10.69
C THR A 132 7.23 -5.69 -10.93
N LEU A 133 8.29 -4.88 -11.01
CA LEU A 133 8.04 -3.45 -10.99
C LEU A 133 8.77 -2.78 -12.14
N ARG A 134 8.05 -1.91 -12.85
CA ARG A 134 8.68 -0.93 -13.74
C ARG A 134 9.25 0.21 -12.88
N MET A 135 10.55 0.45 -13.03
CA MET A 135 11.27 1.33 -12.13
C MET A 135 12.48 1.92 -12.85
N GLY A 136 12.33 2.06 -14.17
CA GLY A 136 13.32 2.68 -15.03
C GLY A 136 13.15 4.20 -15.04
N THR A 137 14.07 4.89 -15.72
CA THR A 137 14.12 6.33 -15.68
C THR A 137 12.73 6.88 -16.02
N PRO A 138 12.22 7.85 -15.23
CA PRO A 138 10.95 8.50 -15.53
C PRO A 138 11.01 9.27 -16.86
N LYS A 139 9.84 9.45 -17.47
CA LYS A 139 9.72 10.03 -18.80
C LYS A 139 10.33 11.43 -18.90
N TYR A 140 10.20 12.22 -17.81
N TYR A 140 10.08 12.33 -17.95
CA TYR A 140 10.54 13.63 -17.68
CA TYR A 140 10.70 13.60 -18.22
C TYR A 140 12.05 13.84 -17.59
C TYR A 140 12.22 13.43 -18.23
N MET A 141 12.76 12.77 -17.20
CA MET A 141 14.21 12.69 -17.09
C MET A 141 14.75 11.97 -18.32
N LYS A 142 13.88 11.18 -18.98
CA LYS A 142 14.29 10.36 -20.10
C LYS A 142 14.45 11.16 -21.38
N VAL A 143 13.57 12.15 -21.62
CA VAL A 143 13.70 12.87 -22.87
C VAL A 143 14.71 14.01 -22.71
N LYS A 144 14.82 14.53 -21.48
CA LYS A 144 15.90 15.43 -21.10
C LYS A 144 17.24 14.72 -21.31
N ALA A 145 17.26 13.39 -21.10
CA ALA A 145 18.44 12.59 -21.39
C ALA A 145 18.65 12.57 -22.90
N GLN A 146 17.57 12.46 -23.67
CA GLN A 146 17.64 12.50 -25.13
C GLN A 146 18.21 13.84 -25.61
N GLU A 147 17.75 14.95 -25.01
CA GLU A 147 18.19 16.30 -25.38
C GLU A 147 19.71 16.38 -25.26
N LYS A 148 20.25 15.64 -24.28
CA LYS A 148 21.65 15.71 -23.91
C LYS A 148 22.44 14.56 -24.53
N GLY A 149 21.77 13.73 -25.36
CA GLY A 149 22.39 12.58 -25.99
C GLY A 149 22.84 11.50 -25.00
N GLU A 150 21.94 11.10 -24.08
CA GLU A 150 22.26 10.15 -23.00
C GLU A 150 21.19 9.07 -22.93
N GLY A 151 20.57 8.79 -24.07
CA GLY A 151 19.37 7.95 -24.14
C GLY A 151 19.58 6.51 -23.68
N GLU A 152 20.71 5.88 -24.06
CA GLU A 152 20.86 4.47 -23.73
C GLU A 152 21.09 4.32 -22.24
N GLU A 153 21.78 5.28 -21.63
CA GLU A 153 22.03 5.24 -20.21
CA GLU A 153 22.03 5.28 -20.20
C GLU A 153 20.70 5.35 -19.45
N ALA A 154 19.78 6.17 -19.99
CA ALA A 154 18.50 6.48 -19.37
C ALA A 154 17.56 5.28 -19.46
N ALA A 155 17.76 4.44 -20.50
CA ALA A 155 16.92 3.28 -20.74
C ALA A 155 17.57 2.00 -20.24
N LYS A 156 18.76 2.07 -19.64
CA LYS A 156 19.40 0.81 -19.25
C LYS A 156 18.45 -0.11 -18.46
N TYR A 157 17.64 0.44 -17.53
CA TYR A 157 16.89 -0.40 -16.61
C TYR A 157 15.38 -0.26 -16.77
N ASP A 158 14.92 -0.18 -18.03
CA ASP A 158 13.52 0.00 -18.38
C ASP A 158 12.71 -1.26 -18.17
N GLU A 159 13.36 -2.43 -18.25
CA GLU A 159 12.65 -3.71 -18.18
C GLU A 159 12.16 -3.95 -16.75
N PRO A 160 10.91 -4.45 -16.56
CA PRO A 160 10.34 -4.65 -15.23
C PRO A 160 11.25 -5.53 -14.40
N ARG A 161 11.45 -5.19 -13.11
CA ARG A 161 12.41 -5.97 -12.35
C ARG A 161 11.63 -6.83 -11.33
N HIS A 162 12.13 -8.03 -11.09
CA HIS A 162 11.49 -8.87 -10.10
C HIS A 162 12.12 -8.51 -8.76
N ILE A 163 11.43 -7.68 -7.94
CA ILE A 163 12.08 -7.24 -6.71
C ILE A 163 11.30 -7.70 -5.48
N CYS A 164 11.59 -7.06 -4.33
CA CYS A 164 10.92 -7.37 -3.08
C CYS A 164 10.09 -6.15 -2.65
N GLU A 165 8.88 -6.38 -2.16
CA GLU A 165 8.07 -5.33 -1.57
C GLU A 165 8.00 -5.61 -0.07
N ILE A 166 8.46 -4.66 0.74
CA ILE A 166 8.49 -4.77 2.20
C ILE A 166 7.28 -4.06 2.84
N ASN A 167 6.63 -4.78 3.75
CA ASN A 167 5.51 -4.27 4.52
C ASN A 167 5.51 -4.92 5.90
N PHE A 168 4.64 -4.41 6.77
CA PHE A 168 4.32 -5.00 8.08
C PHE A 168 5.52 -5.09 9.03
N LEU A 169 6.48 -4.15 8.96
CA LEU A 169 7.52 -4.09 9.98
C LEU A 169 6.86 -3.72 11.31
N CYS A 170 7.13 -4.48 12.37
CA CYS A 170 6.49 -4.23 13.63
C CYS A 170 7.35 -4.76 14.78
N VAL A 171 7.62 -3.88 15.76
CA VAL A 171 8.29 -4.27 17.00
C VAL A 171 7.31 -4.08 18.16
N HIS A 172 7.17 -5.10 19.00
CA HIS A 172 6.32 -5.08 20.18
C HIS A 172 6.59 -3.81 20.98
N LYS A 173 5.54 -3.18 21.50
CA LYS A 173 5.69 -1.95 22.29
C LYS A 173 6.71 -2.10 23.42
N GLN A 174 6.91 -3.31 23.94
CA GLN A 174 7.76 -3.47 25.12
C GLN A 174 9.23 -3.47 24.72
N LEU A 175 9.48 -3.61 23.41
CA LEU A 175 10.84 -3.81 22.94
C LEU A 175 11.28 -2.64 22.08
N ARG A 176 10.55 -1.53 22.16
CA ARG A 176 10.74 -0.40 21.27
C ARG A 176 12.01 0.37 21.64
N GLU A 177 12.68 0.91 20.63
CA GLU A 177 13.83 1.81 20.77
C GLU A 177 15.02 1.07 21.36
N LYS A 178 15.11 -0.24 21.09
CA LYS A 178 16.22 -1.10 21.47
C LYS A 178 16.96 -1.59 20.22
N ARG A 179 16.87 -0.81 19.13
CA ARG A 179 17.62 -1.05 17.88
C ARG A 179 17.24 -2.40 17.24
N LEU A 180 16.04 -2.91 17.51
CA LEU A 180 15.64 -4.21 17.00
C LEU A 180 15.21 -4.14 15.52
N ALA A 181 14.59 -3.03 15.12
CA ALA A 181 14.11 -2.83 13.76
C ALA A 181 15.24 -2.93 12.74
N PRO A 182 16.38 -2.22 12.94
CA PRO A 182 17.56 -2.40 12.08
C PRO A 182 18.03 -3.83 11.85
N ILE A 183 17.98 -4.68 12.89
CA ILE A 183 18.36 -6.09 12.85
C ILE A 183 17.42 -6.87 11.91
N LEU A 184 16.12 -6.65 12.07
CA LEU A 184 15.06 -7.18 11.21
C LEU A 184 15.29 -6.80 9.75
N ILE A 185 15.61 -5.52 9.53
CA ILE A 185 15.83 -5.03 8.18
C ILE A 185 17.06 -5.72 7.58
N LYS A 186 18.13 -5.83 8.39
CA LYS A 186 19.38 -6.49 7.98
CA LYS A 186 19.38 -6.48 7.99
C LYS A 186 19.11 -7.95 7.63
N GLU A 187 18.34 -8.63 8.47
CA GLU A 187 18.09 -10.05 8.22
C GLU A 187 17.21 -10.23 6.99
N ALA A 188 16.14 -9.43 6.88
CA ALA A 188 15.31 -9.43 5.67
C ALA A 188 16.14 -9.18 4.42
N THR A 189 17.00 -8.16 4.46
CA THR A 189 17.89 -7.88 3.35
C THR A 189 18.69 -9.13 2.96
N ARG A 190 19.26 -9.81 3.97
CA ARG A 190 20.07 -11.00 3.75
C ARG A 190 19.27 -12.10 3.04
N ARG A 191 18.09 -12.43 3.56
CA ARG A 191 17.24 -13.48 3.02
CA ARG A 191 17.24 -13.48 3.04
C ARG A 191 16.84 -13.16 1.58
N VAL A 192 16.67 -11.87 1.27
CA VAL A 192 16.28 -11.44 -0.07
C VAL A 192 17.50 -11.50 -1.00
N ASN A 193 18.63 -10.96 -0.54
CA ASN A 193 19.89 -11.04 -1.28
C ASN A 193 20.21 -12.50 -1.65
N ARG A 194 19.96 -13.41 -0.72
CA ARG A 194 20.33 -14.82 -0.87
C ARG A 194 19.49 -15.43 -1.99
N THR A 195 18.43 -14.71 -2.41
CA THR A 195 17.61 -15.23 -3.50
C THR A 195 17.92 -14.49 -4.79
N ASN A 196 19.05 -13.75 -4.80
CA ASN A 196 19.52 -12.99 -5.94
C ASN A 196 18.55 -11.85 -6.26
N VAL A 197 18.05 -11.20 -5.21
CA VAL A 197 17.27 -9.98 -5.36
C VAL A 197 17.98 -8.83 -4.61
N TRP A 198 18.16 -7.67 -5.26
CA TRP A 198 19.05 -6.64 -4.77
C TRP A 198 18.33 -5.30 -4.52
N GLN A 199 17.06 -5.19 -4.96
CA GLN A 199 16.26 -4.00 -4.71
C GLN A 199 15.01 -4.32 -3.90
N ALA A 200 14.49 -3.30 -3.19
CA ALA A 200 13.20 -3.41 -2.54
C ALA A 200 12.45 -2.09 -2.69
N VAL A 201 11.13 -2.16 -2.55
CA VAL A 201 10.25 -0.99 -2.55
C VAL A 201 9.49 -1.06 -1.25
N TYR A 202 9.34 0.09 -0.58
CA TYR A 202 8.63 0.10 0.67
C TYR A 202 8.00 1.46 0.86
N THR A 203 6.92 1.52 1.65
CA THR A 203 6.34 2.82 2.00
C THR A 203 6.33 3.00 3.52
N ALA A 204 6.21 4.27 3.98
CA ALA A 204 5.96 4.52 5.39
C ALA A 204 5.33 5.90 5.58
N GLY A 205 4.65 6.11 6.71
CA GLY A 205 4.13 7.43 7.01
C GLY A 205 5.23 8.36 7.51
N VAL A 206 6.30 7.80 8.08
CA VAL A 206 7.34 8.66 8.63
C VAL A 206 8.33 8.98 7.51
N LEU A 207 9.04 10.10 7.66
CA LEU A 207 10.15 10.49 6.80
C LEU A 207 11.42 9.78 7.22
N LEU A 208 11.99 9.00 6.29
CA LEU A 208 13.28 8.35 6.45
C LEU A 208 14.14 8.79 5.29
N PRO A 209 15.45 8.53 5.25
CA PRO A 209 16.21 8.82 4.04
C PRO A 209 15.94 7.69 3.04
N THR A 210 15.52 8.01 1.82
CA THR A 210 15.05 9.32 1.39
C THR A 210 13.96 9.03 0.39
N PRO A 211 12.74 9.57 0.52
CA PRO A 211 11.64 9.15 -0.36
C PRO A 211 11.86 9.60 -1.80
N TYR A 212 11.37 8.82 -2.78
CA TYR A 212 11.38 9.25 -4.17
C TYR A 212 10.06 9.91 -4.56
N ALA A 213 8.99 9.65 -3.77
CA ALA A 213 7.70 10.31 -3.96
C ALA A 213 6.95 10.32 -2.63
N SER A 214 6.02 11.26 -2.50
CA SER A 214 5.24 11.45 -1.28
CA SER A 214 5.25 11.49 -1.28
C SER A 214 3.87 11.97 -1.68
N GLY A 215 2.84 11.37 -1.09
CA GLY A 215 1.46 11.73 -1.40
C GLY A 215 0.67 11.90 -0.11
N GLN A 216 -0.22 12.92 -0.11
CA GLN A 216 -1.11 13.09 1.03
C GLN A 216 -2.17 11.98 1.02
N TYR A 217 -2.66 11.63 2.21
CA TYR A 217 -3.84 10.77 2.29
CA TYR A 217 -3.84 10.77 2.26
C TYR A 217 -5.11 11.60 2.15
N PHE A 218 -6.17 10.93 1.70
CA PHE A 218 -7.46 11.55 1.50
C PHE A 218 -8.54 10.62 2.05
N HIS A 219 -9.56 11.20 2.70
CA HIS A 219 -10.65 10.41 3.25
C HIS A 219 -11.98 10.97 2.75
N ARG A 220 -12.95 10.07 2.62
CA ARG A 220 -14.30 10.42 2.19
C ARG A 220 -15.28 9.78 3.17
N SER A 221 -15.92 10.63 3.96
CA SER A 221 -16.87 10.24 4.99
CA SER A 221 -16.86 10.22 4.99
C SER A 221 -18.06 9.55 4.34
N LEU A 222 -18.36 8.32 4.83
CA LEU A 222 -19.48 7.52 4.35
C LEU A 222 -20.61 7.48 5.38
N ASN A 223 -20.24 7.43 6.67
CA ASN A 223 -21.18 7.46 7.78
C ASN A 223 -20.68 8.48 8.81
N PRO A 224 -20.87 9.79 8.53
CA PRO A 224 -20.26 10.85 9.33
C PRO A 224 -20.64 10.89 10.81
N GLU A 225 -21.80 10.30 11.15
CA GLU A 225 -22.25 10.29 12.54
C GLU A 225 -21.25 9.55 13.43
N LYS A 226 -20.84 8.35 13.00
CA LYS A 226 -19.90 7.49 13.71
C LYS A 226 -18.52 8.14 13.77
N LEU A 227 -18.04 8.68 12.62
CA LEU A 227 -16.73 9.29 12.53
C LEU A 227 -16.59 10.43 13.55
N VAL A 228 -17.69 11.17 13.76
CA VAL A 228 -17.72 12.29 14.69
C VAL A 228 -17.82 11.75 16.13
N GLU A 229 -18.49 10.62 16.31
CA GLU A 229 -18.61 10.00 17.61
C GLU A 229 -17.24 9.57 18.16
N ILE A 230 -16.34 9.15 17.26
CA ILE A 230 -15.05 8.58 17.63
C ILE A 230 -13.91 9.57 17.40
N ARG A 231 -14.24 10.81 17.00
CA ARG A 231 -13.30 11.91 16.80
CA ARG A 231 -13.27 11.88 16.84
C ARG A 231 -12.28 11.55 15.72
N PHE A 232 -12.70 10.71 14.76
CA PHE A 232 -11.95 10.59 13.52
C PHE A 232 -12.10 11.92 12.77
N SER A 233 -13.28 12.53 12.97
CA SER A 233 -13.70 13.78 12.38
C SER A 233 -14.26 14.68 13.48
N GLY A 234 -13.88 15.96 13.44
CA GLY A 234 -14.55 16.99 14.21
C GLY A 234 -15.49 17.79 13.30
N ILE A 235 -16.70 18.09 13.79
CA ILE A 235 -17.66 18.93 13.08
C ILE A 235 -16.94 20.23 12.71
N PRO A 236 -16.62 20.45 11.42
CA PRO A 236 -15.87 21.65 11.01
C PRO A 236 -16.48 22.91 11.62
N ALA A 237 -15.61 23.83 12.05
CA ALA A 237 -16.01 25.04 12.76
C ALA A 237 -17.28 25.63 12.17
N GLN A 238 -17.44 25.50 10.84
CA GLN A 238 -18.41 26.25 10.07
C GLN A 238 -19.83 25.67 10.22
N TYR A 239 -19.94 24.38 10.58
CA TYR A 239 -21.24 23.71 10.60
C TYR A 239 -22.10 24.19 11.76
N GLN A 240 -21.54 25.08 12.60
CA GLN A 240 -22.22 25.57 13.78
C GLN A 240 -22.72 26.99 13.53
N LYS A 241 -23.25 27.23 12.34
CA LYS A 241 -23.97 28.45 12.00
C LYS A 241 -25.45 28.11 11.80
N PHE A 242 -25.74 26.79 11.81
CA PHE A 242 -27.08 26.27 11.97
C PHE A 242 -27.12 25.46 13.26
N GLN A 243 -28.32 25.13 13.72
CA GLN A 243 -28.47 24.03 14.67
C GLN A 243 -28.78 22.76 13.88
N ASN A 244 -28.56 21.60 14.50
CA ASN A 244 -28.56 20.30 13.83
C ASN A 244 -27.47 20.26 12.77
N PRO A 245 -26.18 20.43 13.16
CA PRO A 245 -25.06 20.37 12.21
C PRO A 245 -24.68 18.93 11.91
N MET A 246 -25.34 17.99 12.60
CA MET A 246 -25.17 16.57 12.32
C MET A 246 -26.23 16.13 11.30
N ALA A 247 -27.33 16.89 11.21
CA ALA A 247 -28.32 16.69 10.17
C ALA A 247 -27.77 17.17 8.81
N MET A 248 -27.09 18.33 8.85
CA MET A 248 -26.52 18.94 7.66
CA MET A 248 -26.51 18.96 7.67
C MET A 248 -25.33 18.12 7.16
N LEU A 249 -24.50 17.63 8.10
CA LEU A 249 -23.32 16.82 7.79
C LEU A 249 -23.74 15.52 7.10
N LYS A 250 -24.71 14.83 7.69
CA LYS A 250 -25.26 13.62 7.10
C LYS A 250 -25.68 13.89 5.66
N ARG A 251 -26.48 14.97 5.47
CA ARG A 251 -26.98 15.37 4.16
CA ARG A 251 -26.98 15.35 4.16
C ARG A 251 -25.81 15.61 3.21
N ASN A 252 -24.76 16.27 3.73
CA ASN A 252 -23.58 16.57 2.93
C ASN A 252 -22.98 15.30 2.32
N TYR A 253 -22.92 14.21 3.09
CA TYR A 253 -22.12 13.06 2.69
C TYR A 253 -23.00 11.91 2.15
N GLN A 254 -24.32 12.16 2.07
CA GLN A 254 -25.30 11.19 1.62
CA GLN A 254 -25.28 11.16 1.64
C GLN A 254 -24.93 10.65 0.24
N LEU A 255 -25.20 9.36 0.02
CA LEU A 255 -24.95 8.71 -1.26
C LEU A 255 -26.19 7.92 -1.68
N PRO A 256 -26.36 7.63 -2.99
CA PRO A 256 -27.40 6.70 -3.45
C PRO A 256 -27.20 5.30 -2.85
N SER A 257 -28.30 4.53 -2.84
CA SER A 257 -28.31 3.18 -2.29
C SER A 257 -27.85 2.18 -3.33
N ALA A 258 -27.96 2.59 -4.61
CA ALA A 258 -27.68 1.70 -5.70
C ALA A 258 -26.78 2.39 -6.71
N PRO A 259 -25.77 1.65 -7.27
CA PRO A 259 -24.93 2.14 -8.37
C PRO A 259 -25.67 2.74 -9.55
N LYS A 260 -25.06 3.74 -10.19
CA LYS A 260 -25.67 4.49 -11.27
C LYS A 260 -25.34 3.86 -12.61
N ASN A 261 -24.20 3.18 -12.70
CA ASN A 261 -23.75 2.60 -13.96
C ASN A 261 -24.42 1.23 -14.13
N SER A 262 -25.27 1.11 -15.15
CA SER A 262 -25.71 -0.20 -15.61
C SER A 262 -24.49 -0.95 -16.15
N GLY A 263 -24.51 -2.27 -16.03
CA GLY A 263 -23.35 -3.03 -16.46
C GLY A 263 -22.40 -3.34 -15.30
N LEU A 264 -22.67 -2.76 -14.12
CA LEU A 264 -21.83 -2.98 -12.95
C LEU A 264 -22.25 -4.24 -12.18
N ARG A 265 -21.26 -5.10 -11.96
CA ARG A 265 -21.36 -6.40 -11.29
C ARG A 265 -19.99 -6.78 -10.73
N GLU A 266 -19.99 -7.77 -9.84
CA GLU A 266 -18.78 -8.29 -9.24
C GLU A 266 -17.89 -8.96 -10.28
N MET A 267 -16.58 -8.76 -10.15
CA MET A 267 -15.63 -9.46 -10.97
C MET A 267 -15.72 -10.98 -10.76
N LYS A 268 -15.53 -11.74 -11.85
CA LYS A 268 -15.49 -13.18 -11.72
CA LYS A 268 -15.56 -13.20 -11.88
C LYS A 268 -14.22 -13.69 -12.37
N PRO A 269 -13.82 -14.97 -12.06
CA PRO A 269 -12.59 -15.55 -12.62
C PRO A 269 -12.43 -15.38 -14.13
N SER A 270 -13.52 -15.42 -14.91
CA SER A 270 -13.36 -15.31 -16.36
C SER A 270 -12.99 -13.88 -16.78
N ASP A 271 -13.17 -12.90 -15.88
CA ASP A 271 -12.83 -11.51 -16.13
C ASP A 271 -11.31 -11.29 -16.13
N VAL A 272 -10.55 -12.26 -15.58
CA VAL A 272 -9.15 -12.04 -15.29
C VAL A 272 -8.38 -11.52 -16.51
N PRO A 273 -8.36 -12.20 -17.68
CA PRO A 273 -7.63 -11.67 -18.84
C PRO A 273 -7.96 -10.25 -19.29
N GLN A 274 -9.25 -9.85 -19.25
CA GLN A 274 -9.66 -8.54 -19.72
C GLN A 274 -9.29 -7.46 -18.70
N VAL A 275 -9.42 -7.78 -17.39
CA VAL A 275 -9.04 -6.86 -16.33
C VAL A 275 -7.55 -6.58 -16.45
N ARG A 276 -6.78 -7.64 -16.62
CA ARG A 276 -5.34 -7.56 -16.77
C ARG A 276 -4.97 -6.59 -17.90
N ARG A 277 -5.54 -6.81 -19.09
CA ARG A 277 -5.24 -6.01 -20.28
CA ARG A 277 -5.21 -6.01 -20.27
C ARG A 277 -5.45 -4.53 -19.98
N ILE A 278 -6.66 -4.16 -19.53
CA ILE A 278 -6.99 -2.77 -19.34
C ILE A 278 -6.26 -2.14 -18.15
N LEU A 279 -5.89 -2.95 -17.15
CA LEU A 279 -5.12 -2.41 -16.03
C LEU A 279 -3.71 -2.11 -16.50
N MET A 280 -3.10 -3.08 -17.19
CA MET A 280 -1.73 -2.97 -17.65
CA MET A 280 -1.73 -2.98 -17.66
C MET A 280 -1.56 -1.75 -18.57
N ASN A 281 -2.58 -1.49 -19.41
CA ASN A 281 -2.56 -0.38 -20.35
C ASN A 281 -2.60 0.92 -19.57
N TYR A 282 -3.41 0.95 -18.53
CA TYR A 282 -3.52 2.13 -17.71
C TYR A 282 -2.22 2.37 -16.95
N LEU A 283 -1.69 1.31 -16.30
CA LEU A 283 -0.58 1.42 -15.38
C LEU A 283 0.67 1.85 -16.14
N ASP A 284 0.80 1.34 -17.37
CA ASP A 284 2.02 1.53 -18.16
C ASP A 284 2.26 3.01 -18.46
N SER A 285 1.23 3.84 -18.29
CA SER A 285 1.41 5.28 -18.45
C SER A 285 2.08 5.94 -17.24
N PHE A 286 2.45 5.17 -16.18
CA PHE A 286 3.02 5.79 -14.98
C PHE A 286 4.51 5.48 -14.91
N ASP A 287 5.30 6.32 -14.20
CA ASP A 287 6.74 6.07 -14.13
C ASP A 287 7.07 4.84 -13.30
N VAL A 288 6.45 4.71 -12.12
CA VAL A 288 6.68 3.54 -11.29
C VAL A 288 5.35 2.77 -11.18
N GLY A 289 5.39 1.49 -11.48
CA GLY A 289 4.14 0.73 -11.41
C GLY A 289 4.36 -0.77 -11.58
N PRO A 290 3.43 -1.59 -11.06
CA PRO A 290 3.59 -3.04 -11.05
C PRO A 290 3.21 -3.63 -12.41
N VAL A 291 3.73 -4.83 -12.67
CA VAL A 291 3.29 -5.66 -13.79
C VAL A 291 2.77 -6.97 -13.20
N PHE A 292 1.55 -7.35 -13.56
CA PHE A 292 0.89 -8.51 -12.97
C PHE A 292 0.70 -9.65 -13.99
N SER A 293 1.05 -10.89 -13.60
CA SER A 293 0.61 -12.08 -14.33
C SER A 293 -0.90 -12.29 -14.14
N ASP A 294 -1.50 -13.20 -14.93
CA ASP A 294 -2.90 -13.55 -14.73
C ASP A 294 -3.09 -14.08 -13.30
N ALA A 295 -2.13 -14.86 -12.79
CA ALA A 295 -2.23 -15.44 -11.45
C ALA A 295 -2.26 -14.33 -10.39
N GLU A 296 -1.51 -13.24 -10.64
CA GLU A 296 -1.42 -12.14 -9.71
C GLU A 296 -2.68 -11.30 -9.77
N ILE A 297 -3.22 -11.13 -10.99
CA ILE A 297 -4.47 -10.40 -11.11
C ILE A 297 -5.56 -11.15 -10.36
N SER A 298 -5.57 -12.50 -10.51
CA SER A 298 -6.53 -13.32 -9.80
CA SER A 298 -6.55 -13.30 -9.80
C SER A 298 -6.41 -13.13 -8.28
N HIS A 299 -5.20 -13.27 -7.76
CA HIS A 299 -4.99 -13.16 -6.33
C HIS A 299 -5.36 -11.77 -5.79
N TYR A 300 -4.87 -10.71 -6.45
CA TYR A 300 -5.02 -9.39 -5.87
C TYR A 300 -6.40 -8.80 -6.15
N LEU A 301 -7.09 -9.27 -7.20
CA LEU A 301 -8.33 -8.57 -7.51
C LEU A 301 -9.60 -9.43 -7.41
N LEU A 302 -9.54 -10.77 -7.56
CA LEU A 302 -10.79 -11.52 -7.38
C LEU A 302 -11.42 -11.26 -6.02
N PRO A 303 -12.76 -11.06 -5.94
CA PRO A 303 -13.41 -10.75 -4.67
C PRO A 303 -13.12 -11.81 -3.63
N ARG A 304 -12.88 -11.35 -2.39
CA ARG A 304 -12.46 -12.23 -1.30
C ARG A 304 -13.07 -11.62 -0.05
N ASP A 305 -13.94 -12.42 0.59
CA ASP A 305 -14.81 -12.03 1.69
CA ASP A 305 -14.81 -12.06 1.72
C ASP A 305 -14.08 -11.29 2.82
N GLY A 306 -14.64 -10.14 3.16
CA GLY A 306 -14.11 -9.27 4.20
C GLY A 306 -12.83 -8.53 3.78
N VAL A 307 -12.31 -8.81 2.57
CA VAL A 307 -10.94 -8.42 2.26
C VAL A 307 -10.87 -7.49 1.04
N VAL A 308 -11.29 -8.00 -0.11
CA VAL A 308 -11.11 -7.25 -1.35
C VAL A 308 -12.40 -7.40 -2.14
N PHE A 309 -12.77 -6.32 -2.82
CA PHE A 309 -14.09 -6.14 -3.41
C PHE A 309 -13.82 -5.52 -4.77
N THR A 310 -14.25 -6.21 -5.83
CA THR A 310 -13.84 -5.84 -7.16
C THR A 310 -15.06 -5.91 -8.07
N TYR A 311 -15.28 -4.84 -8.83
CA TYR A 311 -16.44 -4.73 -9.68
C TYR A 311 -15.99 -4.32 -11.07
N VAL A 312 -16.66 -4.88 -12.08
CA VAL A 312 -16.34 -4.49 -13.43
C VAL A 312 -17.57 -3.84 -14.06
N VAL A 313 -17.32 -2.96 -15.03
CA VAL A 313 -18.36 -2.55 -15.96
C VAL A 313 -18.17 -3.43 -17.19
N GLU A 314 -19.11 -4.35 -17.41
CA GLU A 314 -19.15 -5.11 -18.65
C GLU A 314 -20.38 -4.64 -19.42
N ASN A 315 -20.16 -4.28 -20.69
CA ASN A 315 -21.27 -4.02 -21.60
C ASN A 315 -20.98 -4.73 -22.91
N ASP A 316 -21.98 -5.49 -23.37
CA ASP A 316 -21.88 -6.37 -24.53
C ASP A 316 -20.72 -7.34 -24.35
N LYS A 317 -20.75 -8.08 -23.23
CA LYS A 317 -19.84 -9.18 -22.97
C LYS A 317 -18.38 -8.71 -22.99
N LYS A 318 -18.19 -7.42 -22.65
CA LYS A 318 -16.91 -6.75 -22.81
C LYS A 318 -16.62 -5.95 -21.53
N VAL A 319 -15.52 -6.26 -20.82
CA VAL A 319 -15.13 -5.48 -19.66
CA VAL A 319 -15.17 -5.46 -19.66
C VAL A 319 -14.39 -4.23 -20.12
N THR A 320 -14.95 -3.06 -19.80
CA THR A 320 -14.43 -1.76 -20.22
C THR A 320 -13.86 -0.98 -19.04
N ASP A 321 -14.40 -1.20 -17.84
CA ASP A 321 -13.91 -0.48 -16.67
C ASP A 321 -13.96 -1.37 -15.43
N PHE A 322 -13.08 -1.09 -14.45
CA PHE A 322 -13.19 -1.80 -13.19
C PHE A 322 -12.69 -0.91 -12.05
N PHE A 323 -13.14 -1.20 -10.84
CA PHE A 323 -12.52 -0.64 -9.66
C PHE A 323 -12.44 -1.73 -8.59
N SER A 324 -11.54 -1.53 -7.61
CA SER A 324 -11.38 -2.44 -6.50
C SER A 324 -11.14 -1.61 -5.25
N PHE A 325 -11.60 -2.10 -4.10
CA PHE A 325 -11.17 -1.55 -2.83
C PHE A 325 -10.95 -2.72 -1.88
N TYR A 326 -10.16 -2.47 -0.83
CA TYR A 326 -9.87 -3.46 0.20
C TYR A 326 -10.18 -2.84 1.56
N ARG A 327 -10.39 -3.71 2.55
CA ARG A 327 -10.91 -3.30 3.84
C ARG A 327 -9.80 -3.38 4.88
N ILE A 328 -9.63 -2.27 5.61
CA ILE A 328 -8.77 -2.30 6.77
C ILE A 328 -9.52 -1.58 7.87
N PRO A 329 -9.98 -2.31 8.90
CA PRO A 329 -10.59 -1.69 10.07
C PRO A 329 -9.50 -1.20 11.02
N SER A 330 -9.87 -0.27 11.91
CA SER A 330 -9.00 0.15 12.98
C SER A 330 -9.69 0.03 14.34
N THR A 331 -8.94 -0.48 15.32
CA THR A 331 -9.34 -0.47 16.72
C THR A 331 -9.46 0.99 17.14
N VAL A 332 -10.63 1.37 17.67
CA VAL A 332 -10.81 2.70 18.25
C VAL A 332 -10.39 2.59 19.72
N ILE A 333 -9.35 3.35 20.10
CA ILE A 333 -8.49 2.98 21.22
C ILE A 333 -9.18 3.10 22.59
N GLY A 334 -10.09 4.03 22.74
CA GLY A 334 -10.91 4.01 23.96
C GLY A 334 -12.33 3.75 23.52
N ASN A 335 -13.15 4.80 23.61
CA ASN A 335 -14.54 4.90 23.09
C ASN A 335 -15.54 3.90 23.70
N SER A 336 -16.48 4.45 24.45
CA SER A 336 -17.58 3.68 25.08
C SER A 336 -18.50 3.05 24.02
N ASN A 337 -18.91 3.87 23.04
CA ASN A 337 -19.88 3.52 21.96
C ASN A 337 -19.36 2.59 20.86
N TYR A 338 -18.09 2.70 20.49
CA TYR A 338 -17.62 2.00 19.31
C TYR A 338 -16.28 1.32 19.58
N ASN A 339 -16.06 0.19 18.91
CA ASN A 339 -14.80 -0.51 19.05
C ASN A 339 -14.02 -0.46 17.74
N LEU A 340 -14.71 -0.21 16.61
CA LEU A 340 -14.12 -0.47 15.30
C LEU A 340 -14.51 0.60 14.29
N LEU A 341 -13.53 1.05 13.49
CA LEU A 341 -13.71 1.91 12.33
C LEU A 341 -13.50 1.09 11.05
N ASN A 342 -14.49 1.11 10.14
CA ASN A 342 -14.51 0.21 9.01
C ASN A 342 -14.15 0.98 7.74
N ALA A 343 -12.88 0.89 7.32
CA ALA A 343 -12.42 1.70 6.20
C ALA A 343 -12.21 0.85 4.93
N ALA A 344 -12.67 1.42 3.80
CA ALA A 344 -12.45 0.98 2.43
C ALA A 344 -11.28 1.77 1.86
N TYR A 345 -10.29 1.09 1.27
CA TYR A 345 -9.19 1.78 0.61
C TYR A 345 -9.30 1.58 -0.89
N VAL A 346 -9.17 2.66 -1.68
CA VAL A 346 -9.16 2.55 -3.14
C VAL A 346 -7.96 1.72 -3.58
N HIS A 347 -8.24 0.70 -4.38
CA HIS A 347 -7.20 -0.23 -4.80
C HIS A 347 -6.89 0.10 -6.27
N TYR A 348 -6.72 -0.91 -7.11
CA TYR A 348 -6.48 -0.65 -8.53
C TYR A 348 -7.79 -0.37 -9.25
N TYR A 349 -7.70 0.36 -10.37
CA TYR A 349 -8.89 0.62 -11.18
C TYR A 349 -8.49 0.92 -12.61
N ALA A 350 -9.49 1.01 -13.49
CA ALA A 350 -9.27 1.53 -14.84
C ALA A 350 -10.62 1.97 -15.39
N ALA A 351 -10.67 3.19 -15.94
CA ALA A 351 -11.85 3.64 -16.66
C ALA A 351 -11.50 3.85 -18.13
N THR A 352 -12.34 3.33 -19.03
CA THR A 352 -12.14 3.51 -20.47
C THR A 352 -13.41 3.99 -21.19
N SER A 353 -14.57 3.82 -20.56
CA SER A 353 -15.84 4.19 -21.17
C SER A 353 -16.52 5.31 -20.40
N ILE A 354 -16.01 5.67 -19.22
CA ILE A 354 -16.73 6.65 -18.43
C ILE A 354 -15.74 7.53 -17.68
N PRO A 355 -16.14 8.77 -17.27
CA PRO A 355 -15.24 9.63 -16.51
C PRO A 355 -14.95 8.92 -15.19
N LEU A 356 -13.70 9.03 -14.74
CA LEU A 356 -13.23 8.39 -13.54
C LEU A 356 -14.09 8.80 -12.34
N HIS A 357 -14.50 10.08 -12.26
CA HIS A 357 -15.32 10.50 -11.13
C HIS A 357 -16.64 9.70 -11.06
N GLN A 358 -17.08 9.17 -12.20
CA GLN A 358 -18.35 8.47 -12.25
C GLN A 358 -18.14 7.01 -11.85
N LEU A 359 -16.99 6.45 -12.20
CA LEU A 359 -16.62 5.10 -11.78
C LEU A 359 -16.47 5.04 -10.26
N ILE A 360 -15.78 6.03 -9.68
CA ILE A 360 -15.41 6.00 -8.27
C ILE A 360 -16.63 6.37 -7.42
N LEU A 361 -17.58 7.16 -7.96
CA LEU A 361 -18.78 7.40 -7.17
C LEU A 361 -19.47 6.06 -6.85
N ASP A 362 -19.57 5.18 -7.86
CA ASP A 362 -20.07 3.82 -7.69
C ASP A 362 -19.27 3.00 -6.66
N LEU A 363 -17.96 3.22 -6.56
CA LEU A 363 -17.17 2.57 -5.53
C LEU A 363 -17.68 3.02 -4.16
N LEU A 364 -17.87 4.33 -4.02
CA LEU A 364 -18.35 4.91 -2.76
C LEU A 364 -19.73 4.37 -2.43
N ILE A 365 -20.57 4.17 -3.46
CA ILE A 365 -21.95 3.78 -3.24
C ILE A 365 -21.94 2.35 -2.69
N VAL A 366 -21.15 1.49 -3.35
CA VAL A 366 -20.98 0.11 -2.93
C VAL A 366 -20.35 0.06 -1.53
N ALA A 367 -19.30 0.85 -1.30
CA ALA A 367 -18.63 0.79 -0.01
C ALA A 367 -19.64 1.06 1.11
N HIS A 368 -20.45 2.11 0.85
CA HIS A 368 -21.47 2.58 1.78
C HIS A 368 -22.51 1.51 2.04
N SER A 369 -23.06 0.92 0.96
CA SER A 369 -24.10 -0.09 1.09
CA SER A 369 -24.09 -0.10 1.08
C SER A 369 -23.62 -1.25 1.96
N ARG A 370 -22.34 -1.61 1.81
CA ARG A 370 -21.79 -2.78 2.50
C ARG A 370 -21.21 -2.41 3.86
N GLY A 371 -21.47 -1.18 4.31
CA GLY A 371 -21.30 -0.89 5.72
C GLY A 371 -19.96 -0.32 6.14
N PHE A 372 -19.17 0.16 5.17
CA PHE A 372 -17.95 0.93 5.43
C PHE A 372 -18.29 2.34 5.95
N ASP A 373 -17.46 2.83 6.87
CA ASP A 373 -17.66 4.14 7.51
C ASP A 373 -16.92 5.26 6.79
N VAL A 374 -15.91 4.90 5.97
CA VAL A 374 -15.04 5.88 5.34
C VAL A 374 -14.31 5.22 4.16
N CYS A 375 -13.96 6.03 3.16
CA CYS A 375 -13.12 5.57 2.08
C CYS A 375 -11.86 6.41 2.08
N ASN A 376 -10.71 5.74 1.99
CA ASN A 376 -9.41 6.38 2.08
C ASN A 376 -8.62 6.13 0.80
N MET A 377 -7.61 6.96 0.56
CA MET A 377 -6.71 6.69 -0.55
C MET A 377 -5.55 7.66 -0.46
N VAL A 378 -4.53 7.37 -1.27
CA VAL A 378 -3.41 8.27 -1.39
C VAL A 378 -3.51 8.92 -2.77
N GLU A 379 -2.96 10.13 -2.93
CA GLU A 379 -3.11 10.86 -4.18
C GLU A 379 -2.17 10.29 -5.25
N ILE A 380 -2.11 8.97 -5.36
CA ILE A 380 -1.38 8.35 -6.45
C ILE A 380 -2.36 8.11 -7.59
N LEU A 381 -1.89 7.44 -8.64
CA LEU A 381 -2.64 7.17 -9.86
C LEU A 381 -3.28 8.48 -10.34
N ASP A 382 -4.59 8.44 -10.62
CA ASP A 382 -5.36 9.61 -11.01
C ASP A 382 -6.33 9.99 -9.89
N ASN A 383 -5.92 9.69 -8.65
CA ASN A 383 -6.79 9.83 -7.49
C ASN A 383 -7.16 11.32 -7.32
N ARG A 384 -6.26 12.24 -7.71
CA ARG A 384 -6.55 13.68 -7.57
C ARG A 384 -7.77 14.13 -8.39
N SER A 385 -8.05 13.47 -9.53
CA SER A 385 -9.07 13.95 -10.45
CA SER A 385 -9.08 13.89 -10.47
C SER A 385 -10.46 13.99 -9.81
N PHE A 386 -10.71 13.18 -8.77
CA PHE A 386 -12.06 13.05 -8.30
C PHE A 386 -12.21 13.59 -6.89
N VAL A 387 -11.16 14.23 -6.38
CA VAL A 387 -11.14 14.58 -4.97
C VAL A 387 -12.28 15.53 -4.65
N GLU A 388 -12.36 16.63 -5.41
CA GLU A 388 -13.30 17.70 -5.10
CA GLU A 388 -13.29 17.72 -5.18
C GLU A 388 -14.73 17.23 -5.35
N GLN A 389 -15.04 16.76 -6.55
CA GLN A 389 -16.40 16.34 -6.84
C GLN A 389 -16.94 15.30 -5.84
N LEU A 390 -16.09 14.35 -5.46
CA LEU A 390 -16.55 13.24 -4.64
C LEU A 390 -16.41 13.55 -3.16
N LYS A 391 -16.02 14.79 -2.86
CA LYS A 391 -16.01 15.31 -1.50
C LYS A 391 -15.01 14.54 -0.63
N PHE A 392 -13.87 14.14 -1.23
CA PHE A 392 -12.73 13.72 -0.45
C PHE A 392 -12.09 14.95 0.18
N GLY A 393 -11.59 14.80 1.42
CA GLY A 393 -10.74 15.77 2.06
C GLY A 393 -9.36 15.20 2.39
N ALA A 394 -8.33 16.05 2.32
CA ALA A 394 -6.95 15.69 2.61
C ALA A 394 -6.84 15.40 4.11
N GLY A 395 -6.24 14.24 4.45
CA GLY A 395 -6.05 13.82 5.83
C GLY A 395 -4.76 14.43 6.39
N ASP A 396 -4.38 14.03 7.61
CA ASP A 396 -3.06 14.33 8.12
C ASP A 396 -2.04 13.35 7.55
N GLY A 397 -0.81 13.82 7.39
CA GLY A 397 0.30 12.97 7.01
C GLY A 397 0.17 12.41 5.59
N HIS A 398 1.28 11.77 5.20
CA HIS A 398 1.58 11.43 3.83
C HIS A 398 2.08 9.99 3.80
N LEU A 399 1.84 9.30 2.70
CA LEU A 399 2.57 8.06 2.44
C LEU A 399 3.83 8.38 1.62
N ARG A 400 4.99 7.94 2.11
CA ARG A 400 6.24 8.22 1.44
C ARG A 400 6.68 6.92 0.75
N TYR A 401 7.16 7.04 -0.49
CA TYR A 401 7.56 5.88 -1.28
C TYR A 401 9.08 5.77 -1.29
N TYR A 402 9.64 4.58 -1.04
CA TYR A 402 11.10 4.44 -0.98
C TYR A 402 11.58 3.23 -1.78
N PHE A 403 12.83 3.33 -2.24
CA PHE A 403 13.59 2.24 -2.80
C PHE A 403 14.78 1.92 -1.89
N TYR A 404 15.07 0.64 -1.73
CA TYR A 404 16.34 0.16 -1.23
C TYR A 404 17.24 -0.20 -2.42
N ASN A 405 18.44 0.41 -2.49
CA ASN A 405 19.48 0.09 -3.46
C ASN A 405 19.03 0.47 -4.87
N TRP A 406 18.40 1.63 -5.00
CA TRP A 406 17.93 2.05 -6.31
C TRP A 406 17.89 3.57 -6.33
N ALA A 407 18.85 4.15 -7.04
CA ALA A 407 18.90 5.57 -7.28
C ALA A 407 17.74 5.93 -8.21
N TYR A 408 16.95 6.93 -7.81
CA TYR A 408 15.76 7.25 -8.56
C TYR A 408 15.45 8.73 -8.39
N PRO A 409 15.08 9.48 -9.45
CA PRO A 409 14.79 10.90 -9.25
C PRO A 409 13.52 11.07 -8.43
N LYS A 410 13.42 12.22 -7.76
CA LYS A 410 12.18 12.66 -7.16
CA LYS A 410 12.17 12.65 -7.16
C LYS A 410 11.11 12.71 -8.25
N ILE A 411 9.96 12.06 -8.01
CA ILE A 411 8.80 12.16 -8.90
C ILE A 411 7.58 12.62 -8.11
N LYS A 412 6.53 13.04 -8.84
CA LYS A 412 5.26 13.41 -8.22
C LYS A 412 4.45 12.15 -7.88
N PRO A 413 3.60 12.17 -6.83
CA PRO A 413 2.84 10.97 -6.45
C PRO A 413 1.92 10.54 -7.58
N SER A 414 1.58 11.48 -8.48
CA SER A 414 0.72 11.17 -9.62
C SER A 414 1.48 10.41 -10.71
N GLN A 415 2.78 10.14 -10.49
CA GLN A 415 3.53 9.32 -11.44
CA GLN A 415 3.58 9.33 -11.41
C GLN A 415 3.74 7.91 -10.88
N VAL A 416 3.10 7.61 -9.74
CA VAL A 416 3.29 6.34 -9.03
C VAL A 416 2.02 5.49 -9.19
N ALA A 417 2.15 4.23 -9.61
CA ALA A 417 1.01 3.36 -9.86
C ALA A 417 1.00 2.12 -8.95
N LEU A 418 1.86 2.10 -7.91
CA LEU A 418 1.93 0.97 -6.99
C LEU A 418 1.11 1.27 -5.74
N VAL A 419 -0.01 0.56 -5.59
CA VAL A 419 -0.84 0.67 -4.39
C VAL A 419 -0.24 -0.23 -3.31
N MET A 420 -0.11 0.32 -2.12
CA MET A 420 0.43 -0.42 -0.99
CA MET A 420 0.44 -0.38 -0.96
C MET A 420 -0.68 -0.72 0.02
N LEU A 421 -0.62 -1.93 0.59
CA LEU A 421 -1.66 -2.43 1.46
C LEU A 421 -1.36 -1.96 2.90
#